data_9LHY
#
_entry.id   9LHY
#
_cell.length_a   65.561
_cell.length_b   83.278
_cell.length_c   110.410
_cell.angle_alpha   90.00
_cell.angle_beta   90.00
_cell.angle_gamma   90.00
#
_symmetry.space_group_name_H-M   'P 21 21 21'
#
loop_
_entity.id
_entity.type
_entity.pdbx_description
1 polymer 'Tagaturonate/fructuronate epimerase'
2 non-polymer 'ZINC ION'
3 water water
#
_entity_poly.entity_id   1
_entity_poly.type   'polypeptide(L)'
_entity_poly.pdbx_seq_one_letter_code
;MHHHHHHDREMLEGYLKDRLGKVLEIYPASVKRKEDAIFFMVKNREDGEKYLVVIGSADVTEEFSGDYVGEIALEKSKAK
SKVKISERNHNNLLVLRQYLPWLNPSVCGKRSSFGTGDRLGIATPAHVKAFEGKECFPFLAQQSVREMSRTGRNWLSVLD
DAIWGIFESGYEGAFGADADHVKDLEDIKTAIDAGYTMFTIDPSDHVLDPSTIDKAAAEHVFFELNERHDFLSKYEEKVY
EIGGRKYTFDRDSLIETVITYGKAVDHVEKCYLFLKENNRNPFELEVSVDETSTPTTPLAHIFIVEELKRRGVVFTNLAL
RFVGEWQKAIDYIGDLKELDSTLAEHAAIAEVLGPYKLSLHSG(SEP)DKFSAYPYFAKHVGNLFHVKTAGTSYLEAIRV
VARFSPELYRRIHEFALQRFEKDRASYHVTTDLSKVPDISKIPDSQLEDLLNEPNTRQVIHITYGSVLTARNSDGSYLFR
DELFKTLSEHEREHYEQVASHIRKHLDLLGV
;
_entity_poly.pdbx_strand_id   A
#
loop_
_chem_comp.id
_chem_comp.type
_chem_comp.name
_chem_comp.formula
ZN non-polymer 'ZINC ION' 'Zn 2'
#
# COMPACT_ATOMS: atom_id res chain seq x y z
N ASP A 8 -10.92 13.41 -35.17
CA ASP A 8 -10.46 14.31 -34.13
C ASP A 8 -11.13 13.99 -32.81
N ARG A 9 -10.42 14.32 -31.73
CA ARG A 9 -10.95 14.11 -30.38
C ARG A 9 -12.02 15.14 -30.03
N GLU A 10 -11.83 16.38 -30.49
CA GLU A 10 -12.75 17.45 -30.15
C GLU A 10 -14.14 17.20 -30.76
N MET A 11 -14.20 16.51 -31.91
CA MET A 11 -15.47 16.17 -32.52
C MET A 11 -16.13 14.98 -31.81
N LEU A 12 -15.35 14.11 -31.16
CA LEU A 12 -15.97 13.16 -30.23
C LEU A 12 -16.58 13.88 -29.05
N GLU A 13 -15.86 14.86 -28.48
CA GLU A 13 -16.42 15.61 -27.36
C GLU A 13 -17.68 16.37 -27.78
N GLY A 14 -17.69 16.90 -29.00
CA GLY A 14 -18.87 17.60 -29.48
C GLY A 14 -20.02 16.67 -29.79
N TYR A 15 -19.73 15.49 -30.35
CA TYR A 15 -20.75 14.47 -30.52
C TYR A 15 -21.41 14.13 -29.19
N LEU A 16 -20.59 13.85 -28.16
CA LEU A 16 -21.14 13.52 -26.85
C LEU A 16 -21.91 14.69 -26.25
N LYS A 17 -21.39 15.91 -26.38
CA LYS A 17 -22.08 17.07 -25.81
C LYS A 17 -23.43 17.29 -26.47
N ASP A 18 -23.47 17.26 -27.80
CA ASP A 18 -24.73 17.48 -28.51
C ASP A 18 -25.73 16.36 -28.26
N ARG A 19 -25.25 15.12 -28.09
CA ARG A 19 -26.14 13.98 -27.91
C ARG A 19 -26.35 13.61 -26.45
N LEU A 20 -25.88 14.43 -25.50
CA LEU A 20 -26.02 14.09 -24.09
C LEU A 20 -26.23 15.32 -23.21
N GLY A 21 -25.88 16.50 -23.71
CA GLY A 21 -26.04 17.71 -22.93
C GLY A 21 -25.09 17.82 -21.76
N LYS A 22 -23.91 17.20 -21.85
CA LYS A 22 -22.92 17.25 -20.78
C LYS A 22 -21.54 17.47 -21.38
N VAL A 23 -20.82 18.45 -20.85
CA VAL A 23 -19.42 18.65 -21.22
C VAL A 23 -18.62 17.47 -20.71
N LEU A 24 -18.29 16.55 -21.61
CA LEU A 24 -17.61 15.30 -21.27
C LEU A 24 -16.23 15.32 -21.92
N GLU A 25 -15.20 15.56 -21.13
CA GLU A 25 -13.85 15.77 -21.64
C GLU A 25 -13.05 14.47 -21.61
N ILE A 26 -12.35 14.19 -22.70
CA ILE A 26 -11.72 12.90 -22.91
C ILE A 26 -10.30 12.93 -22.37
N TYR A 27 -9.96 11.96 -21.53
CA TYR A 27 -8.56 11.72 -21.19
C TYR A 27 -7.86 11.15 -22.42
N PRO A 28 -7.00 11.93 -23.09
CA PRO A 28 -6.38 11.42 -24.34
C PRO A 28 -5.53 10.19 -24.11
N ALA A 29 -4.93 10.05 -22.92
CA ALA A 29 -4.09 8.89 -22.62
C ALA A 29 -4.90 7.64 -22.33
N SER A 30 -6.22 7.75 -22.19
CA SER A 30 -7.03 6.59 -21.83
C SER A 30 -7.43 5.76 -23.05
N VAL A 31 -7.43 6.35 -24.24
CA VAL A 31 -8.00 5.69 -25.41
C VAL A 31 -7.23 4.42 -25.71
N LYS A 32 -7.96 3.31 -25.88
CA LYS A 32 -7.38 2.03 -26.25
C LYS A 32 -8.17 1.43 -27.40
N ARG A 33 -7.47 0.70 -28.26
CA ARG A 33 -8.07 0.09 -29.45
C ARG A 33 -7.71 -1.39 -29.50
N LYS A 34 -8.67 -2.26 -29.17
CA LYS A 34 -8.51 -3.69 -29.33
C LYS A 34 -9.61 -4.21 -30.23
N GLU A 35 -9.27 -5.22 -31.03
CA GLU A 35 -9.99 -5.61 -32.25
C GLU A 35 -10.48 -4.34 -32.93
N ASP A 36 -11.74 -4.31 -33.38
CA ASP A 36 -12.34 -3.09 -33.91
C ASP A 36 -13.26 -2.48 -32.86
N ALA A 37 -12.64 -1.90 -31.84
CA ALA A 37 -13.36 -1.24 -30.75
C ALA A 37 -12.43 -0.25 -30.07
N ILE A 38 -13.05 0.74 -29.42
CA ILE A 38 -12.34 1.85 -28.80
C ILE A 38 -12.89 2.04 -27.39
N PHE A 39 -11.99 2.17 -26.41
CA PHE A 39 -12.39 2.37 -25.03
C PHE A 39 -11.67 3.60 -24.49
N PHE A 40 -12.41 4.49 -23.85
CA PHE A 40 -11.77 5.65 -23.22
C PHE A 40 -12.57 6.10 -22.02
N MET A 41 -11.99 7.04 -21.27
CA MET A 41 -12.59 7.62 -20.08
C MET A 41 -12.87 9.09 -20.32
N VAL A 42 -13.97 9.58 -19.75
CA VAL A 42 -14.31 11.00 -19.84
C VAL A 42 -14.67 11.52 -18.46
N LYS A 43 -14.40 12.80 -18.25
CA LYS A 43 -14.71 13.50 -17.01
C LYS A 43 -15.77 14.56 -17.29
N ASN A 44 -16.81 14.60 -16.46
CA ASN A 44 -17.83 15.64 -16.55
C ASN A 44 -17.32 16.87 -15.82
N ARG A 45 -17.20 17.99 -16.54
CA ARG A 45 -16.64 19.19 -15.93
C ARG A 45 -17.63 19.91 -15.01
N GLU A 46 -18.85 19.41 -14.88
CA GLU A 46 -19.81 20.02 -13.96
C GLU A 46 -19.68 19.46 -12.55
N ASP A 47 -19.68 18.12 -12.42
CA ASP A 47 -19.58 17.48 -11.11
C ASP A 47 -18.34 16.62 -10.93
N GLY A 48 -17.53 16.42 -11.97
CA GLY A 48 -16.30 15.67 -11.83
C GLY A 48 -16.43 14.17 -11.96
N GLU A 49 -17.65 13.64 -12.12
CA GLU A 49 -17.81 12.20 -12.26
C GLU A 49 -17.19 11.73 -13.56
N LYS A 50 -16.64 10.52 -13.53
CA LYS A 50 -15.94 9.94 -14.68
C LYS A 50 -16.70 8.73 -15.20
N TYR A 51 -16.57 8.49 -16.50
CA TYR A 51 -17.37 7.46 -17.16
C TYR A 51 -16.55 6.76 -18.23
N LEU A 52 -16.90 5.48 -18.45
CA LEU A 52 -16.35 4.68 -19.53
C LEU A 52 -17.15 4.96 -20.80
N VAL A 53 -16.48 4.98 -21.94
CA VAL A 53 -17.14 5.05 -23.23
C VAL A 53 -16.55 3.96 -24.12
N VAL A 54 -17.43 3.14 -24.68
CA VAL A 54 -17.08 2.07 -25.60
C VAL A 54 -17.67 2.39 -26.96
N ILE A 55 -16.85 2.33 -28.00
CA ILE A 55 -17.25 2.62 -29.37
C ILE A 55 -16.92 1.41 -30.22
N GLY A 56 -17.93 0.81 -30.83
CA GLY A 56 -17.64 -0.30 -31.72
C GLY A 56 -18.78 -1.19 -32.16
N SER A 57 -18.57 -2.49 -32.08
CA SER A 57 -19.46 -3.47 -32.70
C SER A 57 -20.74 -3.64 -31.89
N ALA A 58 -21.58 -4.57 -32.35
CA ALA A 58 -22.87 -4.80 -31.71
C ALA A 58 -22.72 -5.65 -30.45
N ASP A 59 -21.83 -6.64 -30.48
CA ASP A 59 -21.70 -7.59 -29.37
C ASP A 59 -20.75 -7.10 -28.28
N VAL A 60 -19.73 -6.32 -28.63
CA VAL A 60 -18.88 -5.70 -27.62
C VAL A 60 -19.70 -4.74 -26.77
N THR A 61 -20.29 -3.73 -27.41
CA THR A 61 -21.10 -2.74 -26.69
C THR A 61 -22.27 -3.36 -25.94
N GLU A 62 -22.64 -4.59 -26.27
CA GLU A 62 -23.74 -5.25 -25.56
C GLU A 62 -23.30 -5.74 -24.19
N GLU A 63 -22.03 -6.14 -24.06
CA GLU A 63 -21.53 -6.74 -22.79
C GLU A 63 -21.21 -5.67 -21.75
N PHE A 64 -21.81 -4.49 -21.85
CA PHE A 64 -21.56 -3.42 -20.85
C PHE A 64 -22.91 -2.91 -20.34
N SER A 65 -22.99 -2.49 -19.08
CA SER A 65 -24.25 -1.89 -18.61
C SER A 65 -24.11 -0.38 -18.86
N GLY A 66 -24.87 0.15 -19.82
CA GLY A 66 -24.68 1.55 -20.22
C GLY A 66 -25.86 2.13 -20.95
N ASP A 67 -25.87 3.44 -21.15
CA ASP A 67 -26.95 4.04 -21.98
C ASP A 67 -26.35 4.37 -23.35
N TYR A 68 -26.98 3.90 -24.44
CA TYR A 68 -26.45 4.12 -25.80
C TYR A 68 -26.63 5.57 -26.23
N VAL A 69 -25.72 6.09 -27.05
CA VAL A 69 -25.78 7.47 -27.53
C VAL A 69 -25.91 7.52 -29.06
N GLY A 70 -26.11 6.36 -29.67
CA GLY A 70 -26.32 6.33 -31.12
C GLY A 70 -25.13 5.74 -31.86
N GLU A 71 -25.13 5.89 -33.18
CA GLU A 71 -24.05 5.30 -34.01
C GLU A 71 -23.30 6.45 -34.68
N ILE A 72 -21.97 6.42 -34.58
CA ILE A 72 -21.14 7.50 -35.19
C ILE A 72 -20.38 6.88 -36.36
N ALA A 73 -20.21 7.62 -37.45
CA ALA A 73 -19.38 7.06 -38.54
C ALA A 73 -17.97 6.90 -37.97
N LEU A 74 -17.33 5.77 -38.27
CA LEU A 74 -15.99 5.49 -37.71
C LEU A 74 -15.03 5.31 -38.90
N GLU A 75 -13.86 5.94 -38.85
CA GLU A 75 -12.91 5.71 -39.96
C GLU A 75 -13.63 6.13 -41.24
N ALA A 79 -19.53 1.03 -42.85
CA ALA A 79 -19.64 0.41 -41.51
C ALA A 79 -19.76 1.50 -40.44
N LYS A 80 -20.64 1.27 -39.45
CA LYS A 80 -20.91 2.31 -38.43
C LYS A 80 -20.70 1.71 -37.04
N SER A 81 -20.26 2.52 -36.07
CA SER A 81 -19.90 1.98 -34.73
C SER A 81 -20.82 2.55 -33.65
N LYS A 82 -21.34 1.69 -32.77
CA LYS A 82 -22.25 2.13 -31.68
C LYS A 82 -21.48 2.77 -30.53
N VAL A 83 -22.06 3.78 -29.88
CA VAL A 83 -21.47 4.48 -28.74
C VAL A 83 -22.24 4.11 -27.49
N LYS A 84 -21.52 3.69 -26.45
CA LYS A 84 -22.13 3.28 -25.19
C LYS A 84 -21.34 3.91 -24.05
N ILE A 85 -21.99 4.80 -23.32
CA ILE A 85 -21.43 5.37 -22.10
C ILE A 85 -21.88 4.51 -20.92
N SER A 86 -20.96 4.28 -19.99
CA SER A 86 -21.15 3.29 -18.94
C SER A 86 -20.52 3.76 -17.64
N GLU A 87 -21.05 3.23 -16.55
CA GLU A 87 -20.57 3.51 -15.21
C GLU A 87 -19.53 2.48 -14.78
N ARG A 88 -18.63 2.90 -13.90
CA ARG A 88 -17.49 2.07 -13.48
C ARG A 88 -17.86 1.09 -12.37
N ASN A 89 -19.02 0.45 -12.43
CA ASN A 89 -19.30 -0.57 -11.44
C ASN A 89 -18.41 -1.79 -11.68
N HIS A 90 -18.43 -2.74 -10.72
CA HIS A 90 -17.49 -3.85 -10.76
C HIS A 90 -17.63 -4.70 -12.01
N ASN A 91 -18.85 -4.84 -12.55
CA ASN A 91 -19.05 -5.77 -13.67
C ASN A 91 -18.57 -5.16 -14.99
N ASN A 92 -18.91 -3.89 -15.26
CA ASN A 92 -18.33 -3.21 -16.41
C ASN A 92 -16.81 -3.26 -16.36
N LEU A 93 -16.25 -3.09 -15.17
CA LEU A 93 -14.81 -3.11 -15.03
C LEU A 93 -14.25 -4.51 -15.30
N LEU A 94 -14.97 -5.55 -14.88
CA LEU A 94 -14.57 -6.91 -15.22
C LEU A 94 -14.50 -7.11 -16.73
N VAL A 95 -15.53 -6.65 -17.44
CA VAL A 95 -15.54 -6.82 -18.90
C VAL A 95 -14.40 -6.02 -19.52
N LEU A 96 -14.14 -4.81 -19.01
CA LEU A 96 -13.04 -4.00 -19.53
C LEU A 96 -11.70 -4.69 -19.33
N ARG A 97 -11.51 -5.33 -18.17
CA ARG A 97 -10.30 -6.10 -17.94
C ARG A 97 -10.23 -7.33 -18.84
N GLN A 98 -11.38 -7.83 -19.29
CA GLN A 98 -11.36 -8.88 -20.32
C GLN A 98 -10.83 -8.33 -21.64
N TYR A 99 -11.35 -7.18 -22.08
CA TYR A 99 -10.94 -6.64 -23.37
C TYR A 99 -9.55 -6.00 -23.31
N LEU A 100 -9.17 -5.40 -22.19
CA LEU A 100 -7.84 -4.84 -22.03
C LEU A 100 -7.08 -5.68 -21.01
N PRO A 101 -6.52 -6.83 -21.43
CA PRO A 101 -6.07 -7.84 -20.46
C PRO A 101 -4.83 -7.47 -19.67
N TRP A 102 -4.22 -6.30 -19.88
CA TRP A 102 -3.16 -5.86 -18.97
C TRP A 102 -3.74 -5.27 -17.69
N LEU A 103 -5.02 -4.92 -17.68
CA LEU A 103 -5.67 -4.39 -16.49
C LEU A 103 -5.96 -5.48 -15.47
N ASN A 104 -4.96 -6.36 -15.25
CA ASN A 104 -5.07 -7.45 -14.30
C ASN A 104 -3.80 -7.52 -13.49
N PRO A 105 -3.91 -7.75 -12.18
CA PRO A 105 -2.71 -7.78 -11.34
C PRO A 105 -1.88 -9.03 -11.61
N SER A 106 -0.58 -8.90 -11.38
CA SER A 106 0.35 -9.99 -11.67
C SER A 106 1.40 -10.08 -10.57
N VAL A 107 1.91 -11.29 -10.37
CA VAL A 107 2.94 -11.53 -9.36
C VAL A 107 4.23 -10.82 -9.77
N CYS A 108 4.93 -10.28 -8.77
CA CYS A 108 6.10 -9.43 -8.99
C CYS A 108 7.38 -10.24 -9.24
N GLY A 109 7.68 -11.21 -8.39
CA GLY A 109 8.91 -11.96 -8.53
C GLY A 109 10.05 -11.35 -7.72
N LYS A 110 11.27 -11.73 -8.09
CA LYS A 110 12.46 -11.26 -7.38
C LYS A 110 13.00 -9.96 -7.95
N ARG A 111 12.22 -9.21 -8.69
CA ARG A 111 12.59 -7.86 -9.05
C ARG A 111 12.15 -6.90 -7.94
N SER A 112 12.82 -5.75 -7.86
CA SER A 112 12.46 -4.79 -6.83
C SER A 112 11.10 -4.16 -7.07
N SER A 113 10.47 -3.76 -5.98
CA SER A 113 9.09 -3.32 -5.99
C SER A 113 8.90 -2.18 -5.01
N PHE A 114 7.86 -1.39 -5.25
CA PHE A 114 7.50 -0.26 -4.43
C PHE A 114 5.99 -0.21 -4.34
N GLY A 115 5.47 -0.07 -3.11
CA GLY A 115 4.04 -0.08 -2.91
C GLY A 115 3.47 1.29 -2.59
N THR A 116 2.68 1.84 -3.51
CA THR A 116 2.07 3.15 -3.33
C THR A 116 0.60 2.95 -2.97
N GLY A 117 0.36 2.72 -1.68
CA GLY A 117 -1.00 2.53 -1.21
C GLY A 117 -1.80 3.81 -1.28
N ASP A 118 -3.09 3.66 -1.59
CA ASP A 118 -4.01 4.79 -1.78
C ASP A 118 -5.14 4.65 -0.78
N ARG A 119 -5.13 5.51 0.24
CA ARG A 119 -6.20 5.52 1.24
C ARG A 119 -7.48 6.14 0.73
N LEU A 120 -7.45 6.81 -0.43
CA LEU A 120 -8.59 7.58 -0.92
C LEU A 120 -9.23 7.00 -2.16
N GLY A 121 -8.49 6.24 -2.97
CA GLY A 121 -9.03 5.64 -4.16
C GLY A 121 -9.03 6.50 -5.40
N ILE A 122 -8.36 7.65 -5.37
CA ILE A 122 -8.35 8.55 -6.52
C ILE A 122 -6.92 8.97 -6.86
N ALA A 123 -5.94 8.26 -6.32
CA ALA A 123 -4.53 8.65 -6.46
C ALA A 123 -3.73 7.76 -7.39
N THR A 124 -4.35 6.74 -7.99
CA THR A 124 -3.59 5.80 -8.81
C THR A 124 -2.91 6.42 -10.03
N PRO A 125 -3.56 7.31 -10.81
CA PRO A 125 -2.83 7.88 -11.97
C PRO A 125 -1.56 8.64 -11.60
N ALA A 126 -1.56 9.35 -10.47
CA ALA A 126 -0.34 10.01 -10.02
C ALA A 126 0.75 8.99 -9.70
N HIS A 127 0.39 7.92 -8.99
CA HIS A 127 1.34 6.85 -8.71
C HIS A 127 1.90 6.27 -10.00
N VAL A 128 1.06 6.17 -11.04
CA VAL A 128 1.53 5.72 -12.34
C VAL A 128 2.56 6.68 -12.90
N LYS A 129 2.27 7.97 -12.83
CA LYS A 129 3.22 8.98 -13.33
C LYS A 129 4.55 8.91 -12.58
N ALA A 130 4.52 8.54 -11.29
CA ALA A 130 5.77 8.46 -10.53
C ALA A 130 6.66 7.34 -11.05
N PHE A 131 6.08 6.20 -11.43
CA PHE A 131 6.86 5.06 -11.90
C PHE A 131 7.33 5.20 -13.34
N GLU A 132 6.93 6.27 -14.04
CA GLU A 132 7.30 6.45 -15.43
C GLU A 132 8.81 6.56 -15.58
N GLY A 133 9.38 5.76 -16.48
CA GLY A 133 10.80 5.78 -16.77
C GLY A 133 11.66 5.00 -15.80
N LYS A 134 11.07 4.21 -14.91
CA LYS A 134 11.81 3.50 -13.88
C LYS A 134 11.51 2.02 -13.95
N GLU A 135 12.54 1.19 -13.76
CA GLU A 135 12.36 -0.24 -13.62
C GLU A 135 12.22 -0.56 -12.13
N CYS A 136 10.97 -0.83 -11.71
CA CYS A 136 10.60 -1.13 -10.33
C CYS A 136 9.14 -1.55 -10.33
N PHE A 137 8.87 -2.80 -9.99
CA PHE A 137 7.52 -3.32 -10.07
C PHE A 137 6.59 -2.50 -9.18
N PRO A 138 5.50 -1.94 -9.71
CA PRO A 138 4.61 -1.13 -8.89
C PRO A 138 3.48 -1.93 -8.26
N PHE A 139 3.25 -1.75 -6.97
CA PHE A 139 2.11 -2.34 -6.27
C PHE A 139 1.07 -1.22 -6.12
N LEU A 140 0.08 -1.21 -7.00
CA LEU A 140 -0.80 -0.05 -7.08
C LEU A 140 -2.07 -0.21 -6.25
N ALA A 141 -2.50 -1.44 -5.98
CA ALA A 141 -3.61 -1.72 -5.08
C ALA A 141 -3.01 -2.26 -3.78
N GLN A 142 -2.93 -1.40 -2.76
CA GLN A 142 -2.29 -1.80 -1.51
C GLN A 142 -2.98 -1.08 -0.36
N GLN A 143 -3.73 -1.84 0.45
CA GLN A 143 -4.35 -1.32 1.66
C GLN A 143 -4.43 -2.44 2.67
N SER A 144 -4.43 -2.07 3.95
CA SER A 144 -4.50 -3.06 5.01
C SER A 144 -5.94 -3.29 5.44
N VAL A 145 -6.15 -4.41 6.14
CA VAL A 145 -7.47 -4.71 6.70
C VAL A 145 -7.91 -3.57 7.61
N ARG A 146 -6.97 -2.99 8.35
CA ARG A 146 -7.28 -1.90 9.28
C ARG A 146 -7.68 -0.63 8.52
N GLU A 147 -6.92 -0.28 7.49
CA GLU A 147 -7.25 0.91 6.69
C GLU A 147 -8.62 0.78 6.04
N MET A 148 -8.87 -0.36 5.39
CA MET A 148 -10.16 -0.59 4.77
C MET A 148 -11.29 -0.58 5.81
N SER A 149 -11.01 -1.08 7.02
CA SER A 149 -11.99 -1.01 8.09
C SER A 149 -12.29 0.44 8.47
N ARG A 150 -11.27 1.29 8.48
CA ARG A 150 -11.44 2.67 8.89
C ARG A 150 -11.90 3.60 7.78
N THR A 151 -11.94 3.15 6.52
CA THR A 151 -12.37 4.01 5.43
C THR A 151 -13.58 3.47 4.67
N GLY A 152 -14.17 2.37 5.10
CA GLY A 152 -15.37 1.84 4.46
C GLY A 152 -15.15 1.24 3.09
N ARG A 153 -14.04 0.54 2.90
CA ARG A 153 -13.69 -0.09 1.63
C ARG A 153 -13.39 -1.56 1.87
N ASN A 154 -13.14 -2.29 0.78
CA ASN A 154 -12.76 -3.69 0.87
C ASN A 154 -11.78 -4.01 -0.25
N TRP A 155 -11.33 -5.27 -0.29
CA TRP A 155 -10.37 -5.70 -1.31
C TRP A 155 -10.88 -5.39 -2.71
N LEU A 156 -12.15 -5.73 -2.96
CA LEU A 156 -12.75 -5.51 -4.28
C LEU A 156 -12.72 -4.05 -4.66
N SER A 157 -13.17 -3.17 -3.76
CA SER A 157 -13.23 -1.75 -4.09
C SER A 157 -11.84 -1.15 -4.26
N VAL A 158 -10.87 -1.59 -3.44
CA VAL A 158 -9.51 -1.06 -3.56
C VAL A 158 -8.91 -1.45 -4.90
N LEU A 159 -9.05 -2.72 -5.29
CA LEU A 159 -8.52 -3.15 -6.58
C LEU A 159 -9.24 -2.47 -7.74
N ASP A 160 -10.56 -2.32 -7.64
CA ASP A 160 -11.31 -1.66 -8.70
C ASP A 160 -10.90 -0.20 -8.85
N ASP A 161 -10.67 0.49 -7.73
CA ASP A 161 -10.19 1.87 -7.77
C ASP A 161 -8.83 1.95 -8.44
N ALA A 162 -7.91 1.06 -8.05
CA ALA A 162 -6.59 1.05 -8.66
C ALA A 162 -6.66 0.82 -10.16
N ILE A 163 -7.53 -0.09 -10.59
CA ILE A 163 -7.59 -0.43 -12.02
C ILE A 163 -8.28 0.69 -12.79
N TRP A 164 -9.26 1.35 -12.19
CA TRP A 164 -9.84 2.55 -12.78
C TRP A 164 -8.78 3.63 -12.99
N GLY A 165 -7.93 3.84 -11.99
CA GLY A 165 -6.85 4.80 -12.14
C GLY A 165 -5.87 4.42 -13.24
N ILE A 166 -5.51 3.14 -13.31
CA ILE A 166 -4.63 2.67 -14.37
C ILE A 166 -5.27 2.93 -15.74
N PHE A 167 -6.55 2.60 -15.88
CA PHE A 167 -7.26 2.84 -17.13
C PHE A 167 -7.22 4.31 -17.52
N GLU A 168 -7.41 5.20 -16.55
CA GLU A 168 -7.25 6.63 -16.79
C GLU A 168 -5.85 6.93 -17.34
N SER A 169 -4.82 6.42 -16.66
CA SER A 169 -3.45 6.79 -17.01
C SER A 169 -3.04 6.29 -18.38
N GLY A 170 -3.58 5.16 -18.83
CA GLY A 170 -3.17 4.55 -20.07
C GLY A 170 -2.07 3.50 -19.93
N TYR A 171 -1.66 3.21 -18.70
CA TYR A 171 -0.57 2.28 -18.44
C TYR A 171 -0.93 0.86 -18.88
N GLU A 172 0.00 0.22 -19.58
CA GLU A 172 -0.21 -1.15 -20.05
C GLU A 172 0.79 -2.14 -19.44
N GLY A 173 1.61 -1.70 -18.49
CA GLY A 173 2.60 -2.57 -17.88
C GLY A 173 2.07 -3.31 -16.67
N ALA A 174 2.93 -4.14 -16.09
CA ALA A 174 2.54 -4.97 -14.97
C ALA A 174 2.33 -4.13 -13.71
N PHE A 175 1.46 -4.62 -12.84
CA PHE A 175 1.25 -4.02 -11.53
C PHE A 175 0.86 -5.12 -10.55
N GLY A 176 0.84 -4.77 -9.27
CA GLY A 176 0.56 -5.72 -8.23
C GLY A 176 -0.53 -5.22 -7.27
N ALA A 177 -1.13 -6.19 -6.59
CA ALA A 177 -2.21 -5.94 -5.63
C ALA A 177 -1.85 -6.64 -4.33
N ASP A 178 -1.47 -5.87 -3.32
CA ASP A 178 -1.00 -6.39 -2.04
C ASP A 178 -2.15 -6.39 -1.03
N ALA A 179 -2.48 -7.56 -0.50
CA ALA A 179 -3.42 -7.69 0.61
C ALA A 179 -2.64 -7.39 1.89
N ASP A 180 -2.53 -6.11 2.23
CA ASP A 180 -1.58 -5.67 3.25
C ASP A 180 -2.03 -6.09 4.66
N HIS A 181 -1.10 -6.70 5.40
CA HIS A 181 -1.20 -6.89 6.84
C HIS A 181 -2.46 -7.66 7.22
N VAL A 182 -2.67 -8.79 6.57
CA VAL A 182 -3.83 -9.63 6.83
C VAL A 182 -3.53 -10.56 8.00
N LYS A 183 -4.55 -10.81 8.83
CA LYS A 183 -4.37 -11.59 10.06
C LYS A 183 -5.16 -12.88 10.08
N ASP A 184 -6.45 -12.84 9.76
CA ASP A 184 -7.34 -13.99 9.92
C ASP A 184 -7.74 -14.53 8.55
N LEU A 185 -7.96 -15.84 8.51
CA LEU A 185 -8.06 -16.55 7.24
C LEU A 185 -9.25 -16.09 6.41
N GLU A 186 -10.27 -15.53 7.04
CA GLU A 186 -11.45 -15.09 6.30
C GLU A 186 -11.12 -13.87 5.44
N ASP A 187 -10.29 -12.95 5.96
CA ASP A 187 -9.82 -11.85 5.13
C ASP A 187 -8.92 -12.35 4.00
N ILE A 188 -8.11 -13.38 4.27
CA ILE A 188 -7.32 -14.00 3.23
C ILE A 188 -8.23 -14.57 2.14
N LYS A 189 -9.34 -15.20 2.54
CA LYS A 189 -10.27 -15.78 1.59
C LYS A 189 -10.92 -14.70 0.72
N THR A 190 -11.36 -13.61 1.35
CA THR A 190 -11.90 -12.48 0.57
C THR A 190 -10.86 -11.97 -0.41
N ALA A 191 -9.61 -11.83 0.03
CA ALA A 191 -8.57 -11.31 -0.86
C ALA A 191 -8.30 -12.28 -2.00
N ILE A 192 -8.41 -13.58 -1.76
CA ILE A 192 -8.28 -14.56 -2.83
C ILE A 192 -9.42 -14.41 -3.83
N ASP A 193 -10.63 -14.14 -3.32
CA ASP A 193 -11.77 -13.98 -4.23
C ASP A 193 -11.64 -12.74 -5.11
N ALA A 194 -10.97 -11.70 -4.63
CA ALA A 194 -10.80 -10.48 -5.39
C ALA A 194 -9.62 -10.51 -6.36
N GLY A 195 -8.85 -11.60 -6.36
CA GLY A 195 -7.76 -11.77 -7.30
C GLY A 195 -6.45 -11.12 -6.92
N TYR A 196 -6.23 -10.83 -5.64
CA TYR A 196 -5.00 -10.18 -5.22
C TYR A 196 -3.80 -11.09 -5.45
N THR A 197 -2.64 -10.47 -5.68
CA THR A 197 -1.45 -11.21 -6.13
C THR A 197 -0.40 -11.40 -5.05
N MET A 198 -0.31 -10.52 -4.06
CA MET A 198 0.53 -10.78 -2.90
C MET A 198 -0.28 -10.64 -1.63
N PHE A 199 -0.01 -11.54 -0.69
CA PHE A 199 -0.63 -11.55 0.63
C PHE A 199 0.50 -11.30 1.63
N THR A 200 0.40 -10.19 2.37
CA THR A 200 1.34 -9.87 3.45
C THR A 200 0.69 -10.32 4.75
N ILE A 201 1.13 -11.45 5.29
CA ILE A 201 0.53 -12.05 6.49
C ILE A 201 1.16 -11.48 7.75
N ASP A 202 0.30 -11.10 8.70
CA ASP A 202 0.75 -10.49 9.97
C ASP A 202 0.49 -11.43 11.14
N PRO A 203 1.52 -11.85 11.89
CA PRO A 203 1.40 -12.78 13.01
C PRO A 203 1.47 -12.11 14.37
N SER A 204 1.26 -10.80 14.44
CA SER A 204 1.50 -10.04 15.70
C SER A 204 0.65 -10.55 16.86
N ASP A 205 -0.61 -10.88 16.62
CA ASP A 205 -1.43 -11.48 17.71
C ASP A 205 -0.60 -12.54 18.45
N HIS A 206 0.41 -13.14 17.80
CA HIS A 206 1.19 -14.17 18.46
C HIS A 206 2.66 -13.78 18.64
N VAL A 207 3.01 -12.52 18.42
CA VAL A 207 4.34 -12.04 18.74
C VAL A 207 4.37 -11.64 20.21
N LEU A 208 5.41 -12.08 20.92
CA LEU A 208 5.45 -11.98 22.38
C LEU A 208 6.67 -11.13 22.74
N ASP A 209 6.45 -9.89 23.15
CA ASP A 209 7.56 -8.98 23.47
C ASP A 209 8.20 -9.40 24.78
N PRO A 210 9.49 -9.78 24.78
CA PRO A 210 10.09 -10.35 26.00
C PRO A 210 10.33 -9.34 27.11
N SER A 211 10.36 -8.04 26.81
CA SER A 211 10.60 -7.04 27.85
C SER A 211 9.34 -6.65 28.61
N THR A 212 8.20 -7.26 28.30
CA THR A 212 6.93 -6.96 28.95
C THR A 212 6.46 -8.07 29.89
N ILE A 213 6.52 -9.32 29.44
CA ILE A 213 5.93 -10.41 30.20
C ILE A 213 6.77 -10.74 31.43
N ASP A 214 6.12 -11.35 32.41
CA ASP A 214 6.81 -11.90 33.55
C ASP A 214 7.62 -13.12 33.12
N LYS A 215 8.70 -13.40 33.87
CA LYS A 215 9.56 -14.53 33.54
C LYS A 215 8.78 -15.84 33.50
N ALA A 216 7.81 -16.01 34.41
CA ALA A 216 7.10 -17.28 34.52
C ALA A 216 6.29 -17.57 33.26
N ALA A 217 5.60 -16.56 32.74
CA ALA A 217 4.81 -16.75 31.52
C ALA A 217 5.70 -17.12 30.35
N ALA A 218 6.86 -16.47 30.23
CA ALA A 218 7.79 -16.81 29.16
C ALA A 218 8.28 -18.25 29.31
N GLU A 219 8.56 -18.68 30.54
CA GLU A 219 8.93 -20.07 30.77
C GLU A 219 7.84 -21.02 30.29
N HIS A 220 6.60 -20.74 30.67
CA HIS A 220 5.49 -21.63 30.28
C HIS A 220 5.34 -21.69 28.77
N VAL A 221 5.42 -20.54 28.10
CA VAL A 221 5.25 -20.51 26.65
C VAL A 221 6.36 -21.29 25.97
N PHE A 222 7.62 -21.06 26.39
CA PHE A 222 8.71 -21.80 25.79
C PHE A 222 8.56 -23.30 26.03
N PHE A 223 8.14 -23.68 27.24
CA PHE A 223 7.99 -25.10 27.53
C PHE A 223 6.97 -25.74 26.59
N GLU A 224 5.83 -25.06 26.39
CA GLU A 224 4.84 -25.57 25.45
C GLU A 224 5.43 -25.72 24.06
N LEU A 225 6.09 -24.67 23.56
CA LEU A 225 6.61 -24.71 22.19
C LEU A 225 7.68 -25.78 22.03
N ASN A 226 8.52 -25.97 23.04
CA ASN A 226 9.60 -26.94 22.95
C ASN A 226 9.10 -28.36 23.10
N GLU A 227 8.06 -28.58 23.90
CA GLU A 227 7.46 -29.91 23.95
C GLU A 227 6.80 -30.24 22.62
N ARG A 228 6.18 -29.24 21.97
CA ARG A 228 5.49 -29.50 20.72
C ARG A 228 6.44 -29.64 19.53
N HIS A 229 7.58 -28.94 19.54
CA HIS A 229 8.45 -28.89 18.38
C HIS A 229 9.90 -29.30 18.64
N ASP A 230 10.33 -29.37 19.89
CA ASP A 230 11.70 -29.72 20.27
C ASP A 230 12.70 -28.87 19.48
N PHE A 231 12.70 -27.58 19.83
CA PHE A 231 13.61 -26.64 19.17
C PHE A 231 15.05 -26.81 19.63
N LEU A 232 15.25 -27.23 20.89
CA LEU A 232 16.60 -27.36 21.42
C LEU A 232 17.45 -28.29 20.57
N SER A 233 17.00 -29.54 20.40
CA SER A 233 17.80 -30.52 19.67
C SER A 233 17.93 -30.21 18.19
N LYS A 234 17.17 -29.24 17.67
CA LYS A 234 17.30 -28.85 16.27
C LYS A 234 18.24 -27.67 16.07
N TYR A 235 18.33 -26.78 17.05
CA TYR A 235 19.02 -25.50 16.84
C TYR A 235 20.11 -25.22 17.88
N GLU A 236 19.96 -25.75 19.09
CA GLU A 236 20.88 -25.39 20.17
C GLU A 236 22.31 -25.72 19.79
N GLU A 237 23.20 -24.75 19.98
CA GLU A 237 24.62 -24.82 19.64
C GLU A 237 24.88 -24.99 18.15
N LYS A 238 23.85 -24.94 17.31
CA LYS A 238 24.08 -25.00 15.87
C LYS A 238 24.76 -23.72 15.41
N VAL A 239 25.73 -23.88 14.52
CA VAL A 239 26.50 -22.78 13.98
C VAL A 239 25.97 -22.44 12.60
N TYR A 240 26.05 -21.16 12.25
CA TYR A 240 25.70 -20.70 10.90
C TYR A 240 26.81 -19.77 10.43
N GLU A 241 27.53 -20.19 9.39
CA GLU A 241 28.68 -19.38 8.92
C GLU A 241 28.21 -18.56 7.70
N ILE A 242 27.72 -17.33 7.94
CA ILE A 242 27.19 -16.57 6.79
C ILE A 242 28.22 -15.49 6.45
N GLY A 243 28.74 -15.54 5.23
CA GLY A 243 29.80 -14.60 4.82
C GLY A 243 30.97 -14.71 5.78
N GLY A 244 31.56 -13.57 6.17
CA GLY A 244 32.59 -13.57 7.22
C GLY A 244 32.06 -13.99 8.57
N ARG A 245 30.86 -13.53 8.94
CA ARG A 245 30.32 -13.75 10.31
C ARG A 245 29.93 -15.21 10.60
N LYS A 246 30.08 -15.63 11.86
CA LYS A 246 29.61 -16.98 12.29
C LYS A 246 28.55 -16.75 13.39
N TYR A 247 27.39 -17.39 13.27
CA TYR A 247 26.29 -17.13 14.25
C TYR A 247 26.03 -18.41 15.03
N THR A 248 26.02 -18.30 16.35
CA THR A 248 25.88 -19.52 17.18
C THR A 248 24.64 -19.42 18.04
N PHE A 249 23.79 -20.43 17.96
CA PHE A 249 22.54 -20.46 18.73
C PHE A 249 22.84 -20.92 20.15
N ASP A 250 23.31 -19.98 20.96
CA ASP A 250 23.47 -20.28 22.38
C ASP A 250 22.09 -20.44 23.02
N ARG A 251 22.07 -21.21 24.11
CA ARG A 251 20.81 -21.60 24.74
C ARG A 251 19.89 -20.42 24.99
N ASP A 252 20.39 -19.39 25.68
CA ASP A 252 19.53 -18.27 26.10
C ASP A 252 18.94 -17.52 24.90
N SER A 253 19.78 -17.20 23.92
CA SER A 253 19.29 -16.51 22.72
C SER A 253 18.20 -17.31 22.03
N LEU A 254 18.36 -18.63 21.97
CA LEU A 254 17.36 -19.46 21.33
C LEU A 254 16.06 -19.47 22.13
N ILE A 255 16.16 -19.55 23.46
CA ILE A 255 14.95 -19.52 24.30
C ILE A 255 14.16 -18.24 24.01
N GLU A 256 14.85 -17.10 23.96
CA GLU A 256 14.13 -15.84 23.77
C GLU A 256 13.61 -15.69 22.34
N THR A 257 14.35 -16.18 21.34
CA THR A 257 13.82 -16.18 19.98
C THR A 257 12.55 -17.00 19.88
N VAL A 258 12.54 -18.18 20.51
CA VAL A 258 11.36 -19.04 20.48
C VAL A 258 10.20 -18.36 21.17
N ILE A 259 10.43 -17.84 22.40
CA ILE A 259 9.36 -17.18 23.13
C ILE A 259 8.76 -16.05 22.31
N THR A 260 9.61 -15.31 21.58
CA THR A 260 9.11 -14.16 20.84
C THR A 260 8.35 -14.58 19.57
N TYR A 261 8.85 -15.60 18.85
CA TYR A 261 8.36 -15.82 17.49
C TYR A 261 7.69 -17.18 17.23
N GLY A 262 7.57 -18.05 18.22
CA GLY A 262 7.09 -19.39 17.95
C GLY A 262 5.65 -19.49 17.49
N LYS A 263 4.73 -18.99 18.32
CA LYS A 263 3.32 -19.00 17.94
C LYS A 263 3.08 -18.13 16.71
N ALA A 264 3.91 -17.09 16.51
CA ALA A 264 3.82 -16.30 15.29
C ALA A 264 4.14 -17.14 14.07
N VAL A 265 5.18 -17.99 14.15
CA VAL A 265 5.52 -18.86 13.03
C VAL A 265 4.44 -19.90 12.82
N ASP A 266 3.86 -20.43 13.90
CA ASP A 266 2.69 -21.30 13.80
C ASP A 266 1.60 -20.63 12.98
N HIS A 267 1.29 -19.37 13.32
CA HIS A 267 0.25 -18.61 12.63
C HIS A 267 0.57 -18.46 11.15
N VAL A 268 1.82 -18.12 10.84
CA VAL A 268 2.21 -17.90 9.45
C VAL A 268 2.12 -19.19 8.66
N GLU A 269 2.51 -20.32 9.27
CA GLU A 269 2.36 -21.62 8.62
C GLU A 269 0.90 -21.92 8.33
N LYS A 270 0.03 -21.65 9.31
CA LYS A 270 -1.40 -21.86 9.10
C LYS A 270 -1.90 -21.05 7.91
N CYS A 271 -1.48 -19.79 7.82
CA CYS A 271 -1.92 -18.93 6.72
C CYS A 271 -1.40 -19.43 5.37
N TYR A 272 -0.12 -19.80 5.31
CA TYR A 272 0.44 -20.30 4.05
C TYR A 272 -0.27 -21.57 3.60
N LEU A 273 -0.52 -22.50 4.55
CA LEU A 273 -1.27 -23.69 4.19
C LEU A 273 -2.64 -23.34 3.66
N PHE A 274 -3.33 -22.40 4.32
CA PHE A 274 -4.63 -21.94 3.80
C PHE A 274 -4.51 -21.44 2.36
N LEU A 275 -3.42 -20.73 2.05
CA LEU A 275 -3.24 -20.23 0.69
C LEU A 275 -3.00 -21.37 -0.30
N LYS A 276 -2.26 -22.40 0.12
CA LYS A 276 -2.03 -23.53 -0.77
C LYS A 276 -3.32 -24.26 -1.11
N GLU A 277 -4.25 -24.34 -0.14
CA GLU A 277 -5.46 -25.13 -0.32
C GLU A 277 -6.54 -24.41 -1.09
N ASN A 278 -6.43 -23.08 -1.27
CA ASN A 278 -7.58 -22.30 -1.73
C ASN A 278 -7.29 -21.33 -2.87
N ASN A 279 -6.03 -21.01 -3.17
CA ASN A 279 -5.69 -20.10 -4.27
C ASN A 279 -5.09 -20.92 -5.42
N ARG A 280 -5.90 -21.13 -6.46
CA ARG A 280 -5.39 -21.80 -7.66
C ARG A 280 -4.48 -20.87 -8.45
N ASN A 281 -4.90 -19.61 -8.62
CA ASN A 281 -4.15 -18.65 -9.40
C ASN A 281 -2.79 -18.37 -8.75
N PRO A 282 -1.85 -17.78 -9.51
CA PRO A 282 -0.54 -17.48 -8.93
C PRO A 282 -0.63 -16.46 -7.82
N PHE A 283 0.26 -16.61 -6.84
CA PHE A 283 0.40 -15.65 -5.77
C PHE A 283 1.84 -15.67 -5.27
N GLU A 284 2.18 -14.68 -4.48
CA GLU A 284 3.39 -14.69 -3.67
C GLU A 284 3.02 -14.21 -2.27
N LEU A 285 3.97 -14.35 -1.34
CA LEU A 285 3.68 -14.17 0.07
C LEU A 285 4.74 -13.31 0.74
N GLU A 286 4.29 -12.40 1.59
CA GLU A 286 5.16 -11.59 2.43
C GLU A 286 4.89 -11.91 3.88
N VAL A 287 5.95 -12.22 4.63
CA VAL A 287 5.82 -12.51 6.09
C VAL A 287 6.23 -11.25 6.85
N SER A 288 5.43 -10.80 7.82
CA SER A 288 5.79 -9.52 8.49
C SER A 288 6.30 -9.78 9.91
N VAL A 289 7.55 -9.38 10.19
CA VAL A 289 8.15 -9.50 11.54
C VAL A 289 8.30 -8.07 12.09
N ASP A 290 7.68 -7.09 11.43
CA ASP A 290 7.88 -5.66 11.79
C ASP A 290 7.42 -5.39 13.23
N GLU A 291 6.37 -6.05 13.71
CA GLU A 291 5.75 -5.72 15.03
C GLU A 291 6.69 -5.71 16.25
N THR A 292 7.86 -6.37 16.23
CA THR A 292 8.66 -6.41 17.47
C THR A 292 9.14 -5.03 17.86
N SER A 293 9.05 -4.67 19.14
CA SER A 293 9.63 -3.38 19.60
C SER A 293 11.15 -3.40 19.41
N THR A 294 11.77 -4.53 19.78
CA THR A 294 13.23 -4.69 19.63
C THR A 294 13.59 -4.85 18.17
N PRO A 295 14.76 -4.36 17.71
CA PRO A 295 15.20 -4.63 16.36
C PRO A 295 15.44 -6.12 16.22
N THR A 296 15.10 -6.71 15.07
CA THR A 296 15.24 -8.16 14.86
C THR A 296 16.70 -8.55 14.87
N THR A 297 17.11 -9.48 15.74
CA THR A 297 18.48 -9.92 15.79
C THR A 297 18.78 -10.82 14.59
N PRO A 298 20.05 -10.91 14.17
CA PRO A 298 20.39 -11.85 13.10
C PRO A 298 20.08 -13.29 13.46
N LEU A 299 20.24 -13.65 14.74
CA LEU A 299 19.89 -15.00 15.19
C LEU A 299 18.40 -15.26 15.01
N ALA A 300 17.56 -14.27 15.35
CA ALA A 300 16.12 -14.44 15.19
C ALA A 300 15.73 -14.50 13.72
N HIS A 301 16.39 -13.68 12.89
CA HIS A 301 16.21 -13.77 11.43
C HIS A 301 16.50 -15.18 10.94
N ILE A 302 17.66 -15.72 11.32
CA ILE A 302 18.03 -17.09 10.97
C ILE A 302 16.96 -18.07 11.42
N PHE A 303 16.55 -17.97 12.69
CA PHE A 303 15.57 -18.91 13.22
C PHE A 303 14.26 -18.86 12.44
N ILE A 304 13.76 -17.67 12.16
CA ILE A 304 12.46 -17.54 11.50
C ILE A 304 12.53 -18.12 10.09
N VAL A 305 13.57 -17.75 9.34
CA VAL A 305 13.64 -18.23 7.96
C VAL A 305 13.87 -19.73 7.92
N GLU A 306 14.68 -20.27 8.85
CA GLU A 306 14.93 -21.69 8.88
C GLU A 306 13.69 -22.47 9.30
N GLU A 307 12.91 -21.93 10.24
CA GLU A 307 11.68 -22.59 10.64
C GLU A 307 10.66 -22.57 9.49
N LEU A 308 10.62 -21.48 8.72
CA LEU A 308 9.73 -21.45 7.58
C LEU A 308 10.15 -22.46 6.52
N LYS A 309 11.45 -22.56 6.25
CA LYS A 309 11.94 -23.53 5.27
C LYS A 309 11.65 -24.96 5.73
N ARG A 310 11.93 -25.26 6.99
CA ARG A 310 11.71 -26.60 7.53
C ARG A 310 10.25 -27.03 7.42
N ARG A 311 9.32 -26.08 7.48
CA ARG A 311 7.90 -26.38 7.42
C ARG A 311 7.33 -26.32 6.01
N GLY A 312 8.15 -25.98 5.03
CA GLY A 312 7.72 -25.94 3.64
C GLY A 312 7.08 -24.64 3.21
N VAL A 313 7.25 -23.56 3.96
CA VAL A 313 6.57 -22.30 3.68
C VAL A 313 7.33 -21.55 2.59
N VAL A 314 6.67 -21.29 1.48
CA VAL A 314 7.27 -20.49 0.41
C VAL A 314 6.90 -19.03 0.67
N PHE A 315 7.91 -18.17 0.74
CA PHE A 315 7.70 -16.74 0.86
C PHE A 315 8.68 -16.02 -0.03
N THR A 316 8.30 -14.79 -0.39
CA THR A 316 9.12 -13.93 -1.23
C THR A 316 9.66 -12.70 -0.51
N ASN A 317 8.92 -12.18 0.46
CA ASN A 317 9.29 -10.96 1.17
C ASN A 317 9.34 -11.21 2.66
N LEU A 318 10.45 -10.85 3.29
CA LEU A 318 10.59 -10.85 4.74
C LEU A 318 10.65 -9.42 5.24
N ALA A 319 9.80 -9.08 6.18
CA ALA A 319 9.72 -7.72 6.73
C ALA A 319 10.33 -7.73 8.13
N LEU A 320 11.64 -7.49 8.18
CA LEU A 320 12.33 -7.36 9.46
C LEU A 320 12.01 -6.03 10.12
N ARG A 321 12.16 -5.98 11.44
CA ARG A 321 12.15 -4.72 12.18
C ARG A 321 13.61 -4.34 12.36
N PHE A 322 14.07 -3.41 11.51
CA PHE A 322 15.47 -3.01 11.51
C PHE A 322 15.76 -2.03 12.64
N VAL A 323 17.05 -1.85 12.93
CA VAL A 323 17.45 -0.99 14.03
C VAL A 323 17.05 0.45 13.74
N GLY A 324 16.84 1.22 14.80
CA GLY A 324 16.56 2.64 14.67
C GLY A 324 15.13 3.00 15.03
N GLU A 325 14.63 4.09 14.45
CA GLU A 325 13.27 4.56 14.65
C GLU A 325 12.58 4.64 13.30
N TRP A 326 11.37 4.08 13.23
CA TRP A 326 10.58 4.08 12.00
C TRP A 326 9.17 4.58 12.33
N GLN A 327 9.08 5.87 12.63
CA GLN A 327 7.81 6.51 12.94
C GLN A 327 7.17 7.01 11.65
N LYS A 328 5.84 7.02 11.65
CA LYS A 328 5.11 7.44 10.45
C LYS A 328 5.43 8.89 10.09
N ALA A 329 5.50 9.15 8.79
CA ALA A 329 5.53 10.47 8.18
C ALA A 329 6.88 11.18 8.30
N ILE A 330 7.68 10.85 9.30
CA ILE A 330 8.93 11.56 9.56
C ILE A 330 10.12 10.71 9.11
N ASP A 331 11.29 11.33 9.10
CA ASP A 331 12.51 10.70 8.62
C ASP A 331 13.05 9.70 9.64
N TYR A 332 13.94 8.84 9.15
CA TYR A 332 14.56 7.83 10.00
C TYR A 332 15.47 8.49 11.03
N ILE A 333 15.31 8.10 12.29
CA ILE A 333 16.11 8.62 13.40
C ILE A 333 16.99 7.49 13.92
N GLY A 334 18.29 7.76 14.04
CA GLY A 334 19.19 6.82 14.67
C GLY A 334 20.57 6.91 14.06
N ASP A 335 21.43 5.98 14.50
CA ASP A 335 22.81 5.88 14.02
C ASP A 335 22.80 5.26 12.62
N LEU A 336 23.24 6.05 11.63
CA LEU A 336 23.19 5.57 10.25
C LEU A 336 24.16 4.44 9.98
N LYS A 337 25.28 4.37 10.72
CA LYS A 337 26.31 3.35 10.52
C LYS A 337 25.98 2.00 11.20
N GLU A 338 25.26 2.02 12.34
CA GLU A 338 24.67 0.78 12.83
C GLU A 338 23.60 0.29 11.88
N LEU A 339 22.79 1.20 11.35
CA LEU A 339 21.83 0.84 10.31
C LEU A 339 22.53 0.16 9.15
N ASP A 340 23.62 0.77 8.67
CA ASP A 340 24.39 0.21 7.57
C ASP A 340 24.91 -1.19 7.88
N SER A 341 25.50 -1.36 9.06
CA SER A 341 26.15 -2.62 9.41
C SER A 341 25.12 -3.74 9.62
N THR A 342 24.06 -3.46 10.39
CA THR A 342 23.03 -4.46 10.59
C THR A 342 22.28 -4.78 9.28
N LEU A 343 22.21 -3.81 8.37
CA LEU A 343 21.63 -4.10 7.07
C LEU A 343 22.52 -5.02 6.26
N ALA A 344 23.84 -4.78 6.32
CA ALA A 344 24.78 -5.72 5.72
C ALA A 344 24.57 -7.12 6.27
N GLU A 345 24.44 -7.23 7.60
CA GLU A 345 24.14 -8.51 8.22
C GLU A 345 22.90 -9.15 7.60
N HIS A 346 21.75 -8.47 7.70
CA HIS A 346 20.49 -9.07 7.31
C HIS A 346 20.47 -9.44 5.82
N ALA A 347 21.08 -8.61 4.97
CA ALA A 347 21.11 -8.91 3.55
C ALA A 347 22.01 -10.12 3.24
N ALA A 348 23.21 -10.15 3.84
CA ALA A 348 24.11 -11.28 3.64
C ALA A 348 23.46 -12.58 4.10
N ILE A 349 22.74 -12.55 5.22
CA ILE A 349 22.03 -13.75 5.67
C ILE A 349 20.88 -14.10 4.73
N ALA A 350 20.17 -13.09 4.22
CA ALA A 350 19.06 -13.35 3.31
C ALA A 350 19.53 -14.07 2.05
N GLU A 351 20.71 -13.71 1.54
CA GLU A 351 21.15 -14.36 0.31
C GLU A 351 21.52 -15.83 0.52
N VAL A 352 22.10 -16.17 1.68
CA VAL A 352 22.47 -17.56 1.93
C VAL A 352 21.24 -18.40 2.26
N LEU A 353 20.32 -17.87 3.06
CA LEU A 353 19.15 -18.64 3.44
C LEU A 353 18.07 -18.65 2.35
N GLY A 354 18.14 -17.73 1.39
CA GLY A 354 17.12 -17.63 0.38
C GLY A 354 17.59 -18.01 -1.01
N PRO A 355 17.67 -17.03 -1.92
CA PRO A 355 17.44 -15.60 -1.72
C PRO A 355 15.97 -15.22 -1.59
N TYR A 356 15.70 -14.04 -1.04
CA TYR A 356 14.36 -13.48 -0.97
C TYR A 356 14.50 -11.98 -0.75
N LYS A 357 13.37 -11.29 -0.79
CA LYS A 357 13.36 -9.84 -0.67
C LYS A 357 13.14 -9.40 0.77
N LEU A 358 13.86 -8.36 1.16
CA LEU A 358 13.60 -7.68 2.43
C LEU A 358 12.56 -6.59 2.19
N SER A 359 11.61 -6.49 3.13
CA SER A 359 10.53 -5.53 3.02
C SER A 359 10.68 -4.46 4.09
N LEU A 360 10.48 -3.20 3.68
CA LEU A 360 10.57 -2.06 4.62
C LEU A 360 9.16 -1.56 4.95
N HIS A 361 8.54 -2.11 5.99
CA HIS A 361 7.21 -1.60 6.44
C HIS A 361 7.40 -0.19 7.00
N SER A 362 6.38 0.67 6.86
CA SER A 362 6.48 2.07 7.35
C SER A 362 7.75 2.72 6.79
N GLY A 363 7.95 2.65 5.49
CA GLY A 363 9.18 3.19 4.87
C GLY A 363 8.96 4.57 4.28
N SEP A 364 7.70 5.03 4.24
CA SEP A 364 7.40 6.35 3.63
CB SEP A 364 5.93 6.67 3.72
OG SEP A 364 5.43 6.25 5.01
C SEP A 364 8.25 7.45 4.27
O SEP A 364 8.30 7.41 5.53
P SEP A 364 3.90 5.78 5.10
O1P SEP A 364 3.34 6.49 6.32
O2P SEP A 364 3.26 6.22 3.81
O3P SEP A 364 3.94 4.28 5.26
N ASP A 365 9.00 8.21 3.45
CA ASP A 365 9.75 9.40 3.95
C ASP A 365 11.01 9.07 4.75
N LYS A 366 11.43 7.80 4.82
CA LYS A 366 12.73 7.51 5.48
C LYS A 366 13.82 7.70 4.41
N PHE A 367 14.04 8.95 3.99
CA PHE A 367 15.02 9.26 2.91
C PHE A 367 16.45 8.90 3.31
N SER A 368 16.82 9.16 4.56
CA SER A 368 18.22 8.93 5.00
C SER A 368 18.60 7.44 4.88
N ALA A 369 17.70 6.53 5.22
CA ALA A 369 18.02 5.08 5.20
C ALA A 369 18.07 4.55 3.75
N TYR A 370 17.25 5.12 2.87
CA TYR A 370 17.21 4.69 1.44
C TYR A 370 18.60 4.40 0.89
N PRO A 371 19.61 5.29 0.96
CA PRO A 371 20.90 4.95 0.30
C PRO A 371 21.48 3.64 0.80
N TYR A 372 21.50 3.43 2.11
CA TYR A 372 21.96 2.16 2.67
C TYR A 372 21.13 1.02 2.13
N PHE A 373 19.82 1.23 1.98
CA PHE A 373 18.94 0.17 1.52
C PHE A 373 19.19 -0.16 0.06
N ALA A 374 19.46 0.85 -0.76
CA ALA A 374 19.74 0.62 -2.17
C ALA A 374 21.17 0.13 -2.41
N LYS A 375 21.98 0.11 -1.36
CA LYS A 375 23.32 -0.51 -1.53
C LYS A 375 23.20 -1.99 -1.13
N HIS A 376 23.13 -2.32 0.16
CA HIS A 376 23.13 -3.76 0.54
C HIS A 376 21.89 -4.52 0.03
N VAL A 377 20.70 -3.95 0.17
CA VAL A 377 19.45 -4.60 -0.35
C VAL A 377 19.50 -4.67 -1.87
N GLY A 378 20.01 -3.62 -2.52
CA GLY A 378 20.17 -3.65 -3.98
C GLY A 378 18.84 -3.85 -4.68
N ASN A 379 18.75 -4.84 -5.58
CA ASN A 379 17.53 -5.03 -6.40
C ASN A 379 16.52 -5.96 -5.72
N LEU A 380 16.79 -6.44 -4.51
CA LEU A 380 15.78 -7.27 -3.81
C LEU A 380 15.10 -6.48 -2.67
N PHE A 381 14.58 -5.28 -2.93
CA PHE A 381 13.91 -4.54 -1.88
C PHE A 381 12.42 -4.40 -2.19
N HIS A 382 11.63 -4.35 -1.13
CA HIS A 382 10.27 -3.84 -1.20
C HIS A 382 10.16 -2.71 -0.20
N VAL A 383 9.40 -1.66 -0.56
CA VAL A 383 9.18 -0.52 0.32
C VAL A 383 7.70 -0.20 0.30
N LYS A 384 7.05 -0.06 1.45
CA LYS A 384 5.58 0.16 1.45
C LYS A 384 5.21 1.59 1.88
N THR A 385 4.54 2.36 1.02
CA THR A 385 4.05 3.71 1.42
C THR A 385 2.56 3.86 1.20
N ALA A 386 1.78 4.24 2.22
CA ALA A 386 0.35 4.55 1.99
C ALA A 386 -0.01 5.94 2.49
N GLY A 387 0.42 6.28 3.72
CA GLY A 387 0.08 7.55 4.38
C GLY A 387 0.58 8.80 3.68
N THR A 388 1.79 8.76 3.12
CA THR A 388 2.39 9.98 2.55
C THR A 388 1.52 10.51 1.43
N SER A 389 0.96 9.64 0.59
CA SER A 389 0.03 10.10 -0.47
C SER A 389 -1.12 10.90 0.17
N TYR A 390 -1.71 10.39 1.26
CA TYR A 390 -2.75 11.12 1.96
C TYR A 390 -2.24 12.47 2.46
N LEU A 391 -1.01 12.51 2.96
CA LEU A 391 -0.45 13.77 3.43
C LEU A 391 -0.29 14.77 2.29
N GLU A 392 0.21 14.33 1.14
CA GLU A 392 0.34 15.24 0.01
C GLU A 392 -1.04 15.70 -0.48
N ALA A 393 -2.03 14.82 -0.42
CA ALA A 393 -3.40 15.22 -0.74
C ALA A 393 -3.88 16.33 0.19
N ILE A 394 -3.62 16.18 1.49
CA ILE A 394 -4.02 17.20 2.45
C ILE A 394 -3.25 18.50 2.21
N ARG A 395 -2.02 18.40 1.71
CA ARG A 395 -1.28 19.60 1.34
C ARG A 395 -1.99 20.34 0.21
N VAL A 396 -2.40 19.60 -0.82
CA VAL A 396 -3.18 20.21 -1.91
C VAL A 396 -4.45 20.85 -1.35
N VAL A 397 -5.11 20.15 -0.43
CA VAL A 397 -6.35 20.66 0.18
C VAL A 397 -6.08 21.99 0.85
N ALA A 398 -5.04 22.05 1.69
CA ALA A 398 -4.68 23.29 2.36
C ALA A 398 -4.32 24.38 1.36
N ARG A 399 -3.76 24.01 0.22
CA ARG A 399 -3.40 25.01 -0.78
C ARG A 399 -4.63 25.63 -1.43
N PHE A 400 -5.67 24.83 -1.66
CA PHE A 400 -6.81 25.33 -2.42
C PHE A 400 -8.10 25.49 -1.63
N SER A 401 -8.27 24.79 -0.51
CA SER A 401 -9.41 24.98 0.38
C SER A 401 -8.94 25.23 1.82
N PRO A 402 -8.25 26.34 2.06
CA PRO A 402 -7.57 26.51 3.37
C PRO A 402 -8.50 26.51 4.56
N GLU A 403 -9.75 26.98 4.40
CA GLU A 403 -10.69 26.91 5.52
C GLU A 403 -11.06 25.46 5.86
N LEU A 404 -11.24 24.63 4.83
CA LEU A 404 -11.47 23.21 5.05
C LEU A 404 -10.28 22.58 5.78
N TYR A 405 -9.06 22.90 5.36
CA TYR A 405 -7.90 22.37 6.05
C TYR A 405 -7.84 22.86 7.49
N ARG A 406 -8.25 24.11 7.74
CA ARG A 406 -8.26 24.65 9.10
C ARG A 406 -9.16 23.81 9.99
N ARG A 407 -10.39 23.56 9.52
CA ARG A 407 -11.33 22.73 10.27
C ARG A 407 -10.77 21.33 10.49
N ILE A 408 -10.18 20.73 9.44
CA ILE A 408 -9.60 19.40 9.57
C ILE A 408 -8.47 19.41 10.59
N HIS A 409 -7.68 20.48 10.62
CA HIS A 409 -6.54 20.57 11.53
C HIS A 409 -7.01 20.57 12.98
N GLU A 410 -8.03 21.38 13.29
CA GLU A 410 -8.55 21.39 14.66
C GLU A 410 -9.14 20.02 15.02
N PHE A 411 -9.98 19.48 14.14
CA PHE A 411 -10.59 18.17 14.39
C PHE A 411 -9.53 17.09 14.61
N ALA A 412 -8.43 17.17 13.88
CA ALA A 412 -7.38 16.16 13.97
C ALA A 412 -6.61 16.29 15.27
N LEU A 413 -6.26 17.51 15.66
CA LEU A 413 -5.66 17.69 16.98
C LEU A 413 -6.53 17.11 18.07
N GLN A 414 -7.86 17.20 17.90
CA GLN A 414 -8.75 16.63 18.90
C GLN A 414 -8.70 15.09 18.89
N ARG A 415 -8.82 14.48 17.71
CA ARG A 415 -8.88 13.02 17.63
C ARG A 415 -7.53 12.34 17.90
N PHE A 416 -6.44 13.12 17.91
CA PHE A 416 -5.09 12.57 17.91
C PHE A 416 -4.85 11.54 19.01
N GLU A 417 -5.27 11.83 20.24
CA GLU A 417 -4.93 10.96 21.36
C GLU A 417 -5.57 9.59 21.21
N LYS A 418 -6.85 9.55 20.84
CA LYS A 418 -7.51 8.26 20.65
C LYS A 418 -7.00 7.53 19.42
N ASP A 419 -6.63 8.26 18.36
CA ASP A 419 -6.15 7.59 17.16
C ASP A 419 -4.68 7.21 17.21
N ARG A 420 -3.93 7.67 18.22
CA ARG A 420 -2.53 7.30 18.35
C ARG A 420 -2.31 6.12 19.30
N ALA A 421 -3.25 5.87 20.22
CA ALA A 421 -3.14 4.77 21.16
C ALA A 421 -3.19 3.42 20.46
N SER A 422 -3.45 3.44 19.15
CA SER A 422 -3.43 2.25 18.32
C SER A 422 -2.21 2.20 17.41
N TYR A 423 -1.30 3.16 17.51
CA TYR A 423 -0.03 3.08 16.80
C TYR A 423 1.12 3.20 17.79
N HIS A 424 2.08 4.07 17.48
CA HIS A 424 3.29 4.19 18.29
C HIS A 424 4.16 5.34 17.77
N VAL A 425 3.96 6.53 18.34
CA VAL A 425 4.67 7.74 17.93
C VAL A 425 5.11 8.50 19.17
N THR A 426 6.06 9.42 18.97
CA THR A 426 6.53 10.33 20.00
C THR A 426 6.22 11.79 19.67
N THR A 427 5.24 12.04 18.80
CA THR A 427 4.76 13.38 18.45
C THR A 427 4.84 14.39 19.58
N ASP A 428 5.48 15.54 19.33
CA ASP A 428 5.64 16.60 20.32
C ASP A 428 4.58 17.65 20.04
N LEU A 429 3.40 17.48 20.65
CA LEU A 429 2.28 18.39 20.40
C LEU A 429 2.61 19.84 20.73
N SER A 430 3.62 20.07 21.58
CA SER A 430 4.05 21.44 21.84
C SER A 430 4.59 22.11 20.59
N LYS A 431 5.15 21.33 19.67
CA LYS A 431 5.78 21.87 18.47
C LYS A 431 4.82 22.00 17.30
N VAL A 432 3.54 21.69 17.48
CA VAL A 432 2.54 21.92 16.43
C VAL A 432 2.29 23.42 16.40
N PRO A 433 2.59 24.11 15.29
CA PRO A 433 2.41 25.56 15.26
C PRO A 433 0.97 25.96 15.55
N ASP A 434 0.81 27.15 16.12
CA ASP A 434 -0.51 27.70 16.36
C ASP A 434 -1.02 28.30 15.05
N ILE A 435 -2.14 27.76 14.58
CA ILE A 435 -2.63 28.07 13.24
C ILE A 435 -3.55 29.29 13.21
N SER A 436 -4.13 29.69 14.35
CA SER A 436 -4.95 30.88 14.41
C SER A 436 -4.21 32.13 13.92
N LYS A 437 -2.89 32.07 13.83
CA LYS A 437 -2.09 33.18 13.32
C LYS A 437 -1.60 32.97 11.89
N ILE A 438 -1.59 31.74 11.41
CA ILE A 438 -0.90 31.41 10.16
C ILE A 438 -1.77 31.87 8.98
N PRO A 439 -1.21 32.60 8.02
CA PRO A 439 -2.01 33.08 6.89
C PRO A 439 -2.35 31.95 5.94
N ASP A 440 -3.61 31.88 5.49
CA ASP A 440 -4.08 30.74 4.65
C ASP A 440 -3.02 30.35 3.62
N SER A 441 -2.22 31.30 3.15
CA SER A 441 -1.19 31.02 2.11
C SER A 441 -0.16 30.03 2.66
N GLN A 442 0.23 30.15 3.93
CA GLN A 442 1.29 29.31 4.52
C GLN A 442 0.72 28.02 5.14
N LEU A 443 -0.59 27.80 5.06
CA LEU A 443 -1.20 26.64 5.75
C LEU A 443 -0.61 25.32 5.18
N GLU A 444 -0.38 25.26 3.87
CA GLU A 444 0.15 24.02 3.27
C GLU A 444 1.53 23.75 3.88
N ASP A 445 2.33 24.80 4.11
CA ASP A 445 3.72 24.63 4.62
C ASP A 445 3.78 23.89 5.96
N LEU A 446 2.71 23.85 6.77
CA LEU A 446 2.85 23.08 7.99
C LEU A 446 2.62 21.60 7.78
N LEU A 447 2.27 21.17 6.57
CA LEU A 447 2.46 19.77 6.25
C LEU A 447 3.91 19.46 5.90
N ASN A 448 4.82 20.33 6.36
CA ASN A 448 6.26 20.10 6.35
C ASN A 448 6.80 19.93 7.78
N GLU A 449 6.03 20.32 8.79
CA GLU A 449 6.45 20.23 10.18
C GLU A 449 6.14 18.82 10.69
N PRO A 450 7.13 18.08 11.20
CA PRO A 450 6.92 16.64 11.43
C PRO A 450 5.74 16.29 12.33
N ASN A 451 5.55 17.02 13.42
CA ASN A 451 4.50 16.67 14.37
C ASN A 451 3.12 16.82 13.75
N THR A 452 2.91 17.90 12.99
CA THR A 452 1.65 18.06 12.27
C THR A 452 1.47 16.97 11.23
N ARG A 453 2.57 16.60 10.54
CA ARG A 453 2.53 15.45 9.64
C ARG A 453 1.95 14.23 10.33
N GLN A 454 2.45 13.93 11.54
CA GLN A 454 1.98 12.75 12.26
C GLN A 454 0.52 12.87 12.64
N VAL A 455 0.14 14.02 13.21
CA VAL A 455 -1.24 14.23 13.66
C VAL A 455 -2.22 14.07 12.50
N ILE A 456 -1.89 14.61 11.34
CA ILE A 456 -2.75 14.44 10.18
C ILE A 456 -2.71 12.99 9.69
N HIS A 457 -1.52 12.38 9.70
CA HIS A 457 -1.32 11.02 9.23
C HIS A 457 -2.29 10.05 9.88
N ILE A 458 -2.23 9.95 11.22
CA ILE A 458 -2.92 8.82 11.85
C ILE A 458 -4.40 9.04 12.09
N THR A 459 -4.92 10.25 11.90
CA THR A 459 -6.34 10.53 12.13
C THR A 459 -7.16 10.49 10.85
N TYR A 460 -6.62 9.89 9.78
CA TYR A 460 -7.28 9.91 8.47
C TYR A 460 -8.67 9.28 8.53
N GLY A 461 -8.84 8.23 9.33
CA GLY A 461 -10.12 7.56 9.39
C GLY A 461 -11.21 8.44 9.99
N SER A 462 -10.90 9.12 11.09
CA SER A 462 -11.86 9.98 11.75
C SER A 462 -12.36 11.07 10.80
N VAL A 463 -11.44 11.81 10.19
CA VAL A 463 -11.83 12.86 9.25
C VAL A 463 -12.60 12.27 8.07
N LEU A 464 -12.17 11.12 7.56
CA LEU A 464 -12.83 10.58 6.37
C LEU A 464 -14.22 10.01 6.66
N THR A 465 -14.54 9.71 7.92
CA THR A 465 -15.87 9.20 8.26
C THR A 465 -16.65 10.06 9.24
N ALA A 466 -16.16 11.25 9.61
CA ALA A 466 -16.80 12.05 10.64
C ALA A 466 -18.18 12.55 10.18
N ARG A 467 -19.20 12.27 10.99
CA ARG A 467 -20.57 12.66 10.69
C ARG A 467 -20.93 13.95 11.44
N ASN A 468 -21.98 14.62 10.94
CA ASN A 468 -22.64 15.68 11.67
C ASN A 468 -23.91 15.13 12.31
N SER A 469 -24.67 16.02 12.96
CA SER A 469 -25.91 15.60 13.61
C SER A 469 -26.99 15.28 12.58
N ASP A 470 -27.18 16.17 11.60
CA ASP A 470 -28.17 15.99 10.55
C ASP A 470 -27.84 14.86 9.59
N GLY A 471 -26.71 14.17 9.78
CA GLY A 471 -26.32 13.08 8.92
C GLY A 471 -25.29 13.42 7.87
N SER A 472 -25.04 14.71 7.64
CA SER A 472 -24.02 15.10 6.68
C SER A 472 -22.63 14.76 7.22
N TYR A 473 -21.65 14.76 6.33
CA TYR A 473 -20.28 14.42 6.67
C TYR A 473 -19.45 15.70 6.81
N LEU A 474 -18.63 15.77 7.86
CA LEU A 474 -17.84 16.97 8.12
C LEU A 474 -16.94 17.33 6.95
N PHE A 475 -16.17 16.37 6.47
CA PHE A 475 -15.11 16.73 5.53
C PHE A 475 -15.12 15.91 4.25
N ARG A 476 -15.49 14.63 4.32
CA ARG A 476 -15.35 13.70 3.20
C ARG A 476 -15.76 14.33 1.87
N ASP A 477 -16.99 14.83 1.79
CA ASP A 477 -17.51 15.35 0.53
C ASP A 477 -16.72 16.57 0.07
N GLU A 478 -16.52 17.54 0.96
CA GLU A 478 -15.73 18.73 0.60
C GLU A 478 -14.34 18.35 0.16
N LEU A 479 -13.71 17.40 0.86
CA LEU A 479 -12.34 17.00 0.55
C LEU A 479 -12.26 16.39 -0.84
N PHE A 480 -13.18 15.49 -1.18
CA PHE A 480 -13.14 14.89 -2.51
C PHE A 480 -13.49 15.90 -3.58
N LYS A 481 -14.42 16.83 -3.30
CA LYS A 481 -14.72 17.88 -4.27
C LYS A 481 -13.49 18.71 -4.57
N THR A 482 -12.78 19.15 -3.52
CA THR A 482 -11.57 19.94 -3.72
C THR A 482 -10.53 19.16 -4.50
N LEU A 483 -10.34 17.88 -4.14
CA LEU A 483 -9.32 17.08 -4.81
C LEU A 483 -9.68 16.80 -6.26
N SER A 484 -10.98 16.82 -6.60
CA SER A 484 -11.38 16.65 -7.99
C SER A 484 -11.20 17.93 -8.78
N GLU A 485 -11.53 19.08 -8.18
CA GLU A 485 -11.39 20.35 -8.90
C GLU A 485 -9.95 20.64 -9.27
N HIS A 486 -9.00 20.17 -8.45
CA HIS A 486 -7.58 20.47 -8.70
C HIS A 486 -6.84 19.15 -8.95
N GLU A 487 -7.21 18.47 -10.03
CA GLU A 487 -6.78 17.09 -10.23
C GLU A 487 -5.32 17.01 -10.61
N ARG A 488 -4.85 17.87 -11.52
CA ARG A 488 -3.46 17.80 -11.93
C ARG A 488 -2.53 18.33 -10.84
N GLU A 489 -3.00 19.25 -10.00
CA GLU A 489 -2.25 19.65 -8.82
C GLU A 489 -2.00 18.46 -7.91
N HIS A 490 -3.08 17.79 -7.50
CA HIS A 490 -3.01 16.56 -6.72
C HIS A 490 -2.05 15.56 -7.36
N TYR A 491 -2.21 15.35 -8.67
CA TYR A 491 -1.38 14.37 -9.38
C TYR A 491 0.09 14.72 -9.30
N GLU A 492 0.43 15.99 -9.58
CA GLU A 492 1.83 16.40 -9.55
C GLU A 492 2.42 16.21 -8.16
N GLN A 493 1.71 16.67 -7.13
CA GLN A 493 2.22 16.53 -5.76
C GLN A 493 2.54 15.08 -5.44
N VAL A 494 1.53 14.21 -5.56
CA VAL A 494 1.70 12.81 -5.16
C VAL A 494 2.78 12.14 -6.01
N ALA A 495 2.73 12.36 -7.33
CA ALA A 495 3.66 11.70 -8.23
C ALA A 495 5.09 12.13 -7.96
N SER A 496 5.34 13.43 -7.78
CA SER A 496 6.71 13.89 -7.55
C SER A 496 7.23 13.39 -6.21
N HIS A 497 6.38 13.28 -5.18
CA HIS A 497 6.88 12.76 -3.91
C HIS A 497 7.25 11.28 -4.03
N ILE A 498 6.39 10.49 -4.67
CA ILE A 498 6.70 9.07 -4.82
C ILE A 498 7.93 8.89 -5.71
N ARG A 499 8.13 9.80 -6.67
CA ARG A 499 9.30 9.71 -7.52
C ARG A 499 10.56 10.13 -6.77
N LYS A 500 10.45 11.08 -5.84
CA LYS A 500 11.51 11.31 -4.88
C LYS A 500 11.92 10.00 -4.22
N HIS A 501 10.93 9.26 -3.72
CA HIS A 501 11.21 7.96 -3.11
C HIS A 501 11.98 7.06 -4.06
N LEU A 502 11.42 6.80 -5.24
CA LEU A 502 12.03 5.84 -6.16
C LEU A 502 13.41 6.30 -6.61
N ASP A 503 13.64 7.61 -6.72
CA ASP A 503 14.94 8.12 -7.11
C ASP A 503 15.98 7.83 -6.02
N LEU A 504 15.64 8.14 -4.76
CA LEU A 504 16.60 7.91 -3.70
C LEU A 504 16.87 6.42 -3.47
N LEU A 505 16.03 5.55 -4.01
CA LEU A 505 16.18 4.11 -3.85
C LEU A 505 17.00 3.48 -4.97
N GLY A 506 17.63 4.28 -5.82
CA GLY A 506 18.53 3.75 -6.84
C GLY A 506 17.86 3.16 -8.05
N VAL A 507 16.58 3.42 -8.26
CA VAL A 507 15.89 2.88 -9.43
C VAL A 507 15.31 4.02 -10.26
ZN ZN B . -3.92 -16.98 14.90
ZN ZN C . 3.86 -3.57 9.50
#